data_7ZIZ
#
_entry.id   7ZIZ
#
_cell.length_a   77.830
_cell.length_b   88.710
_cell.length_c   44.200
_cell.angle_alpha   90.000
_cell.angle_beta   90.000
_cell.angle_gamma   90.000
#
_symmetry.space_group_name_H-M   'P 21 21 2'
#
loop_
_entity.id
_entity.type
_entity.pdbx_description
1 polymer 'Haloalkane dehalogenase'
2 non-polymer [9-[2-carboxy-5-[2-[2-(5-oxidanylpentoxy)ethoxy]ethylcarbamoyl]phenyl]-6-(dimethylamino)xanthen-3-ylidene]-dimethyl-azanium
3 non-polymer 'CHLORIDE ION'
4 non-polymer GLYCEROL
5 water water
#
_entity_poly.entity_id   1
_entity_poly.type   'polypeptide(L)'
_entity_poly.pdbx_seq_one_letter_code
;GIGTGFPFDPHYVEVLGERMHYVDVGPRDGTPVLFLHGNPTSSYVWRNIIPHVAPTHRCIAPDLIGMGKSDKPDLGYFFD
DHVRFMDAFIEALGLEEVVLVIHAWGSALGFHWAKRNPERVKGIAFMEFIRPIPTWDEWPEFARETFQAFRTTDVGRKLI
IDQNVFIEGTLPMGVVRPLTEVEMDHYREPFLNPVDREPLWRFPNELPIAGEPANIVALVEEYMDWLHQSPVPKLLFWGT
PGVLIPPAEAARLAKSLPNCKAVDIGPGLNLLQEDNPDLIGSEIARWLSTLEI
;
_entity_poly.pdbx_strand_id   A
#
loop_
_chem_comp.id
_chem_comp.type
_chem_comp.name
_chem_comp.formula
CL non-polymer 'CHLORIDE ION' 'Cl -1'
GOL non-polymer GLYCEROL 'C3 H8 O3'
IYL non-polymer [9-[2-carboxy-5-[2-[2-(5-oxidanylpentoxy)ethoxy]ethylcarbamoyl]phenyl]-6-(dimethylamino)xanthen-3-ylidene]-dimethyl-azanium 'C34 H42 N3 O7 1'
#
# COMPACT_ATOMS: atom_id res chain seq x y z
N GLY A 1 -23.54 -5.64 -1.17
CA GLY A 1 -22.36 -6.11 -1.85
C GLY A 1 -21.27 -5.04 -1.82
N ILE A 2 -20.02 -5.47 -1.91
CA ILE A 2 -18.91 -4.54 -1.90
C ILE A 2 -18.91 -3.73 -3.19
N GLY A 3 -18.66 -2.43 -3.08
CA GLY A 3 -18.79 -1.56 -4.23
C GLY A 3 -17.70 -1.80 -5.28
N THR A 4 -18.09 -1.72 -6.55
CA THR A 4 -17.17 -1.93 -7.65
C THR A 4 -16.84 -0.65 -8.41
N GLY A 5 -17.56 0.44 -8.16
CA GLY A 5 -17.33 1.65 -8.90
C GLY A 5 -16.20 2.49 -8.35
N PHE A 6 -15.79 3.45 -9.16
CA PHE A 6 -14.73 4.39 -8.83
C PHE A 6 -15.24 5.76 -9.20
N PRO A 7 -16.08 6.36 -8.36
CA PRO A 7 -16.83 7.58 -8.75
C PRO A 7 -16.03 8.86 -8.67
N PHE A 8 -14.78 8.80 -8.27
CA PHE A 8 -14.03 9.98 -7.86
C PHE A 8 -13.60 10.83 -9.05
N ASP A 9 -13.77 12.15 -8.92
CA ASP A 9 -13.29 13.05 -9.96
C ASP A 9 -11.77 12.98 -10.04
N PRO A 10 -11.20 12.99 -11.23
CA PRO A 10 -9.73 12.96 -11.34
C PRO A 10 -9.10 14.30 -10.98
N HIS A 11 -8.01 14.22 -10.24
CA HIS A 11 -7.15 15.38 -9.99
C HIS A 11 -5.74 15.02 -10.44
N TYR A 12 -5.04 16.00 -10.99
CA TYR A 12 -3.69 15.77 -11.48
C TYR A 12 -2.76 16.86 -10.99
N VAL A 13 -1.53 16.47 -10.71
CA VAL A 13 -0.51 17.44 -10.31
C VAL A 13 0.78 17.05 -10.99
N GLU A 14 1.53 18.05 -11.45
CA GLU A 14 2.80 17.78 -12.09
C GLU A 14 3.89 17.62 -11.02
N VAL A 15 4.62 16.51 -11.13
CA VAL A 15 5.58 16.07 -10.13
C VAL A 15 6.83 15.63 -10.90
N LEU A 16 7.94 16.37 -10.77
CA LEU A 16 9.19 16.01 -11.42
C LEU A 16 9.01 15.77 -12.92
N GLY A 17 8.19 16.61 -13.57
CA GLY A 17 7.97 16.49 -14.98
C GLY A 17 6.90 15.51 -15.39
N GLU A 18 6.26 14.82 -14.43
CA GLU A 18 5.29 13.80 -14.72
C GLU A 18 3.97 14.15 -14.07
N ARG A 19 2.88 13.79 -14.71
CA ARG A 19 1.56 14.00 -14.15
C ARG A 19 1.19 12.83 -13.24
N MET A 20 0.84 13.13 -11.98
CA MET A 20 0.34 12.11 -11.06
C MET A 20 -1.15 12.33 -10.81
N HIS A 21 -1.92 11.26 -10.81
CA HIS A 21 -3.34 11.30 -10.55
C HIS A 21 -3.60 11.03 -9.07
N TYR A 22 -4.62 11.71 -8.51
CA TYR A 22 -5.00 11.44 -7.13
C TYR A 22 -6.48 11.72 -6.91
N VAL A 23 -7.07 10.95 -6.01
CA VAL A 23 -8.37 11.23 -5.42
C VAL A 23 -8.19 12.32 -4.39
N ASP A 24 -9.15 13.26 -4.35
CA ASP A 24 -9.13 14.34 -3.35
C ASP A 24 -10.58 14.69 -3.02
N VAL A 25 -11.04 14.21 -1.86
CA VAL A 25 -12.43 14.43 -1.45
C VAL A 25 -12.44 14.85 0.00
N GLY A 26 -13.60 15.30 0.46
CA GLY A 26 -13.76 15.63 1.85
C GLY A 26 -13.53 17.09 2.11
N PRO A 27 -13.69 17.52 3.37
CA PRO A 27 -13.59 18.95 3.68
C PRO A 27 -12.18 19.45 3.53
N ARG A 28 -12.07 20.72 3.15
CA ARG A 28 -10.78 21.30 2.80
C ARG A 28 -9.99 21.71 4.03
N ASP A 29 -10.65 21.97 5.14
CA ASP A 29 -9.89 22.30 6.33
C ASP A 29 -9.60 21.04 7.13
N GLY A 30 -8.79 21.20 8.16
CA GLY A 30 -8.43 20.10 9.01
C GLY A 30 -7.19 19.38 8.51
N THR A 31 -6.82 18.35 9.26
CA THR A 31 -5.68 17.51 8.90
C THR A 31 -6.10 16.51 7.84
N PRO A 32 -5.36 16.39 6.73
CA PRO A 32 -5.75 15.43 5.68
C PRO A 32 -5.26 14.02 5.98
N VAL A 33 -5.94 13.07 5.34
CA VAL A 33 -5.64 11.65 5.47
C VAL A 33 -5.14 11.17 4.12
N LEU A 34 -3.86 10.76 4.10
CA LEU A 34 -3.15 10.36 2.87
C LEU A 34 -3.10 8.82 2.78
N PHE A 35 -3.75 8.27 1.73
CA PHE A 35 -3.89 6.82 1.48
C PHE A 35 -2.86 6.35 0.45
N LEU A 36 -2.01 5.41 0.83
CA LEU A 36 -0.97 4.90 -0.09
C LEU A 36 -1.18 3.42 -0.40
N HIS A 37 -1.44 3.12 -1.69
CA HIS A 37 -1.54 1.75 -2.21
C HIS A 37 -0.18 1.15 -2.54
N GLY A 38 -0.19 -0.15 -2.83
CA GLY A 38 0.98 -0.91 -3.20
C GLY A 38 0.78 -1.65 -4.52
N ASN A 39 1.45 -2.85 -4.62
CA ASN A 39 1.51 -3.63 -5.86
C ASN A 39 0.43 -4.70 -5.86
N PRO A 40 -0.33 -4.89 -6.94
CA PRO A 40 -0.36 -4.20 -8.24
C PRO A 40 -1.61 -3.31 -8.33
N THR A 41 -1.85 -2.54 -7.27
CA THR A 41 -3.12 -1.83 -7.16
C THR A 41 -2.98 -0.35 -7.50
N SER A 42 -3.93 0.44 -7.02
CA SER A 42 -4.00 1.88 -7.28
C SER A 42 -4.93 2.46 -6.23
N SER A 43 -5.26 3.74 -6.38
CA SER A 43 -6.28 4.30 -5.49
C SER A 43 -7.58 3.55 -5.55
N TYR A 44 -7.82 2.75 -6.61
CA TYR A 44 -9.01 1.91 -6.64
C TYR A 44 -9.15 1.05 -5.38
N VAL A 45 -8.03 0.65 -4.76
CA VAL A 45 -8.10 -0.27 -3.61
C VAL A 45 -8.70 0.43 -2.40
N TRP A 46 -8.76 1.77 -2.41
CA TRP A 46 -9.31 2.54 -1.29
C TRP A 46 -10.74 2.99 -1.54
N ARG A 47 -11.36 2.59 -2.67
CA ARG A 47 -12.64 3.15 -3.09
C ARG A 47 -13.76 2.92 -2.09
N ASN A 48 -13.73 1.83 -1.30
CA ASN A 48 -14.82 1.54 -0.37
C ASN A 48 -14.46 1.88 1.06
N ILE A 49 -13.25 2.36 1.29
CA ILE A 49 -12.79 2.81 2.61
C ILE A 49 -12.90 4.31 2.75
N ILE A 50 -12.45 5.06 1.75
CA ILE A 50 -12.54 6.53 1.72
C ILE A 50 -13.95 7.06 2.05
N PRO A 51 -15.06 6.46 1.59
CA PRO A 51 -16.38 7.07 1.91
C PRO A 51 -16.74 7.06 3.37
N HIS A 52 -16.06 6.28 4.22
CA HIS A 52 -16.27 6.32 5.67
C HIS A 52 -15.52 7.47 6.33
N VAL A 53 -14.47 7.97 5.69
CA VAL A 53 -13.58 8.99 6.25
C VAL A 53 -13.89 10.36 5.67
N ALA A 54 -14.24 10.41 4.39
CA ALA A 54 -14.49 11.67 3.71
C ALA A 54 -15.60 12.54 4.30
N PRO A 55 -16.64 12.01 4.98
CA PRO A 55 -17.56 12.96 5.62
C PRO A 55 -16.88 13.96 6.52
N THR A 56 -15.84 13.53 7.25
CA THR A 56 -15.25 14.35 8.32
C THR A 56 -13.83 14.79 8.07
N HIS A 57 -13.12 14.22 7.10
CA HIS A 57 -11.71 14.51 6.89
C HIS A 57 -11.41 14.48 5.40
N ARG A 58 -10.52 15.37 4.98
CA ARG A 58 -9.97 15.30 3.62
C ARG A 58 -9.26 13.98 3.39
N CYS A 59 -9.54 13.37 2.24
CA CYS A 59 -8.92 12.12 1.84
C CYS A 59 -8.19 12.36 0.52
N ILE A 60 -6.88 12.07 0.53
CA ILE A 60 -6.01 12.18 -0.63
C ILE A 60 -5.46 10.79 -0.92
N ALA A 61 -5.69 10.29 -2.13
CA ALA A 61 -5.17 8.96 -2.49
C ALA A 61 -4.50 9.03 -3.86
N PRO A 62 -3.17 9.13 -3.90
CA PRO A 62 -2.45 9.18 -5.18
C PRO A 62 -2.28 7.81 -5.79
N ASP A 63 -2.19 7.80 -7.11
CA ASP A 63 -1.69 6.62 -7.82
C ASP A 63 -0.17 6.77 -7.93
N LEU A 64 0.55 5.73 -7.46
CA LEU A 64 2.00 5.77 -7.55
C LEU A 64 2.44 5.97 -9.01
N ILE A 65 3.61 6.56 -9.19
CA ILE A 65 4.12 6.78 -10.53
C ILE A 65 4.17 5.44 -11.28
N GLY A 66 3.74 5.48 -12.55
CA GLY A 66 3.64 4.29 -13.37
C GLY A 66 2.46 3.40 -13.10
N MET A 67 1.52 3.82 -12.26
CA MET A 67 0.40 2.99 -11.83
C MET A 67 -0.88 3.82 -11.91
N GLY A 68 -1.99 3.12 -11.86
CA GLY A 68 -3.29 3.81 -11.88
C GLY A 68 -3.41 4.73 -13.09
N LYS A 69 -3.88 5.96 -12.86
CA LYS A 69 -4.00 6.97 -13.90
C LYS A 69 -2.79 7.90 -13.94
N SER A 70 -1.75 7.62 -13.17
CA SER A 70 -0.54 8.45 -13.22
C SER A 70 0.26 8.16 -14.49
N ASP A 71 1.15 9.10 -14.84
CA ASP A 71 1.98 8.95 -16.02
C ASP A 71 2.95 7.78 -15.87
N LYS A 72 3.47 7.31 -17.01
CA LYS A 72 4.29 6.12 -17.13
C LYS A 72 5.67 6.48 -17.70
N PRO A 73 6.50 7.18 -16.93
CA PRO A 73 7.87 7.44 -17.44
C PRO A 73 8.67 6.15 -17.62
N ASP A 74 9.73 6.28 -18.43
CA ASP A 74 10.65 5.19 -18.73
C ASP A 74 11.68 5.07 -17.61
N LEU A 75 11.26 4.43 -16.51
CA LEU A 75 12.04 4.26 -15.30
C LEU A 75 12.21 2.79 -14.98
N GLY A 76 13.17 2.50 -14.09
CA GLY A 76 13.25 1.18 -13.49
C GLY A 76 12.16 0.89 -12.48
N TYR A 77 11.51 1.93 -11.93
CA TYR A 77 10.47 1.79 -10.89
C TYR A 77 11.03 1.09 -9.65
N PHE A 78 12.27 1.43 -9.31
CA PHE A 78 12.83 1.00 -8.04
C PHE A 78 12.06 1.66 -6.91
N PHE A 79 12.19 1.09 -5.71
CA PHE A 79 11.57 1.73 -4.56
C PHE A 79 12.03 3.17 -4.46
N ASP A 80 13.31 3.43 -4.76
CA ASP A 80 13.86 4.79 -4.69
C ASP A 80 13.13 5.74 -5.64
N ASP A 81 12.74 5.24 -6.82
CA ASP A 81 11.96 6.07 -7.72
C ASP A 81 10.62 6.45 -7.10
N HIS A 82 9.95 5.47 -6.48
CA HIS A 82 8.67 5.79 -5.83
C HIS A 82 8.87 6.75 -4.68
N VAL A 83 9.98 6.62 -3.93
CA VAL A 83 10.26 7.56 -2.85
C VAL A 83 10.40 8.98 -3.40
N ARG A 84 11.17 9.15 -4.48
CA ARG A 84 11.36 10.47 -5.07
C ARG A 84 10.04 11.09 -5.50
N PHE A 85 9.19 10.31 -6.18
CA PHE A 85 7.95 10.88 -6.70
C PHE A 85 6.94 11.13 -5.57
N MET A 86 6.88 10.26 -4.56
CA MET A 86 5.98 10.51 -3.45
C MET A 86 6.43 11.71 -2.62
N ASP A 87 7.73 11.84 -2.36
CA ASP A 87 8.20 13.03 -1.63
C ASP A 87 7.76 14.29 -2.35
N ALA A 88 7.93 14.31 -3.67
CA ALA A 88 7.63 15.47 -4.49
C ALA A 88 6.12 15.69 -4.61
N PHE A 89 5.34 14.61 -4.64
CA PHE A 89 3.89 14.73 -4.63
C PHE A 89 3.40 15.44 -3.38
N ILE A 90 3.89 14.99 -2.23
CA ILE A 90 3.43 15.56 -0.96
C ILE A 90 3.77 17.05 -0.89
N GLU A 91 4.95 17.43 -1.38
CA GLU A 91 5.31 18.86 -1.36
C GLU A 91 4.52 19.64 -2.41
N ALA A 92 4.19 19.03 -3.56
CA ALA A 92 3.42 19.72 -4.60
C ALA A 92 2.02 20.06 -4.14
N LEU A 93 1.44 19.23 -3.26
CA LEU A 93 0.12 19.52 -2.69
C LEU A 93 0.22 20.45 -1.49
N GLY A 94 1.44 20.78 -1.06
CA GLY A 94 1.56 21.69 0.06
C GLY A 94 1.08 21.09 1.36
N LEU A 95 1.07 19.77 1.49
CA LEU A 95 0.65 19.16 2.76
C LEU A 95 1.63 19.50 3.87
N GLU A 96 1.08 19.73 5.07
CA GLU A 96 1.88 20.06 6.22
C GLU A 96 1.87 18.84 7.11
N GLU A 97 0.97 18.73 8.07
CA GLU A 97 0.81 17.53 8.89
C GLU A 97 -0.25 16.65 8.27
N VAL A 98 -0.09 15.33 8.45
CA VAL A 98 -0.99 14.36 7.83
C VAL A 98 -1.25 13.20 8.78
N VAL A 99 -2.32 12.46 8.49
CA VAL A 99 -2.51 11.10 8.97
C VAL A 99 -2.27 10.17 7.79
N LEU A 100 -1.55 9.07 8.00
CA LEU A 100 -1.24 8.11 6.95
C LEU A 100 -2.13 6.88 7.06
N VAL A 101 -2.65 6.42 5.92
CA VAL A 101 -3.34 5.12 5.81
C VAL A 101 -2.64 4.35 4.71
N ILE A 102 -1.96 3.26 5.08
CA ILE A 102 -0.97 2.66 4.19
C ILE A 102 -1.05 1.14 4.19
N HIS A 103 -0.61 0.56 3.06
CA HIS A 103 -0.78 -0.86 2.77
C HIS A 103 0.39 -1.37 1.96
N ALA A 104 1.04 -2.45 2.43
CA ALA A 104 1.97 -3.25 1.60
C ALA A 104 3.05 -2.33 1.03
N TRP A 105 3.30 -2.25 -0.28
CA TRP A 105 4.38 -1.35 -0.73
C TRP A 105 4.10 0.11 -0.37
N GLY A 106 2.82 0.52 -0.32
CA GLY A 106 2.51 1.86 0.19
C GLY A 106 2.92 2.06 1.63
N SER A 107 2.96 0.98 2.42
CA SER A 107 3.41 1.09 3.81
C SER A 107 4.92 1.31 3.91
N ALA A 108 5.70 0.72 3.02
CA ALA A 108 7.12 1.05 3.01
C ALA A 108 7.33 2.52 2.66
N LEU A 109 6.60 3.02 1.65
CA LEU A 109 6.69 4.44 1.32
C LEU A 109 6.25 5.30 2.50
N GLY A 110 5.14 4.95 3.15
CA GLY A 110 4.61 5.80 4.20
C GLY A 110 5.47 5.75 5.44
N PHE A 111 5.92 4.56 5.86
CA PHE A 111 6.79 4.47 7.04
C PHE A 111 8.13 5.15 6.79
N HIS A 112 8.70 5.03 5.57
CA HIS A 112 9.99 5.65 5.28
C HIS A 112 9.84 7.17 5.28
N TRP A 113 8.72 7.70 4.78
CA TRP A 113 8.50 9.15 4.82
C TRP A 113 8.25 9.61 6.25
N ALA A 114 7.50 8.81 7.03
CA ALA A 114 7.21 9.19 8.41
C ALA A 114 8.47 9.20 9.27
N LYS A 115 9.36 8.20 9.08
CA LYS A 115 10.62 8.17 9.84
C LYS A 115 11.46 9.40 9.56
N ARG A 116 11.42 9.88 8.33
CA ARG A 116 12.22 11.05 7.94
C ARG A 116 11.56 12.37 8.32
N ASN A 117 10.23 12.35 8.53
CA ASN A 117 9.44 13.55 8.79
C ASN A 117 8.50 13.30 9.96
N PRO A 118 8.98 12.84 11.10
CA PRO A 118 8.05 12.43 12.17
C PRO A 118 7.19 13.56 12.73
N GLU A 119 7.67 14.82 12.66
CA GLU A 119 6.86 15.92 13.19
C GLU A 119 5.61 16.15 12.37
N ARG A 120 5.52 15.61 11.16
CA ARG A 120 4.40 15.84 10.26
C ARG A 120 3.42 14.70 10.25
N VAL A 121 3.60 13.68 11.08
CA VAL A 121 2.72 12.52 11.04
C VAL A 121 1.95 12.42 12.35
N LYS A 122 0.63 12.61 12.28
CA LYS A 122 -0.19 12.62 13.49
C LYS A 122 -0.79 11.26 13.83
N GLY A 123 -0.61 10.27 12.93
CA GLY A 123 -1.12 8.94 13.18
C GLY A 123 -0.86 8.11 11.95
N ILE A 124 -0.70 6.79 12.11
CA ILE A 124 -0.57 5.85 11.00
C ILE A 124 -1.52 4.68 11.18
N ALA A 125 -2.41 4.50 10.22
CA ALA A 125 -3.19 3.28 10.10
C ALA A 125 -2.56 2.41 9.01
N PHE A 126 -2.34 1.14 9.31
CA PHE A 126 -1.61 0.30 8.38
C PHE A 126 -2.11 -1.13 8.41
N MET A 127 -1.75 -1.89 7.37
CA MET A 127 -2.29 -3.24 7.20
C MET A 127 -1.37 -3.95 6.23
N GLU A 128 -1.11 -5.22 6.49
CA GLU A 128 -0.36 -6.09 5.56
C GLU A 128 0.87 -5.34 5.04
N PHE A 129 1.69 -4.90 5.99
CA PHE A 129 2.76 -3.94 5.75
C PHE A 129 4.08 -4.67 5.57
N ILE A 130 5.07 -3.93 5.05
CA ILE A 130 6.35 -4.53 4.70
C ILE A 130 7.29 -4.44 5.91
N ARG A 131 7.81 -5.59 6.33
CA ARG A 131 8.84 -5.75 7.35
C ARG A 131 9.86 -6.71 6.76
N PRO A 132 11.07 -6.77 7.33
CA PRO A 132 12.05 -7.70 6.76
C PRO A 132 11.58 -9.13 6.97
N ILE A 133 11.70 -9.93 5.91
CA ILE A 133 11.38 -11.36 5.90
C ILE A 133 12.74 -12.06 5.93
N PRO A 134 13.18 -12.56 7.10
CA PRO A 134 14.60 -12.94 7.26
C PRO A 134 15.03 -14.13 6.44
N THR A 135 14.13 -15.09 6.22
CA THR A 135 14.40 -16.24 5.37
C THR A 135 13.13 -16.56 4.59
N TRP A 136 13.29 -17.36 3.54
CA TRP A 136 12.13 -17.74 2.73
C TRP A 136 11.13 -18.59 3.50
N ASP A 137 11.56 -19.24 4.58
CA ASP A 137 10.62 -19.94 5.43
C ASP A 137 9.57 -19.02 6.04
N GLU A 138 9.85 -17.71 6.13
CA GLU A 138 8.91 -16.77 6.71
C GLU A 138 7.98 -16.16 5.67
N TRP A 139 8.11 -16.56 4.41
CA TRP A 139 7.16 -16.22 3.35
C TRP A 139 6.10 -17.32 3.27
N PRO A 140 4.83 -17.00 3.05
CA PRO A 140 3.81 -18.06 3.03
C PRO A 140 4.16 -19.16 2.05
N GLU A 141 4.02 -20.41 2.53
CA GLU A 141 4.41 -21.56 1.73
C GLU A 141 3.65 -21.62 0.41
N PHE A 142 2.35 -21.26 0.41
CA PHE A 142 1.58 -21.38 -0.81
C PHE A 142 2.03 -20.46 -1.93
N ALA A 143 2.84 -19.44 -1.61
CA ALA A 143 3.26 -18.46 -2.60
C ALA A 143 4.77 -18.37 -2.71
N ARG A 144 5.50 -19.31 -2.08
CA ARG A 144 6.95 -19.21 -1.96
C ARG A 144 7.67 -19.45 -3.29
N GLU A 145 7.37 -20.53 -3.98
CA GLU A 145 8.10 -20.77 -5.22
C GLU A 145 7.80 -19.71 -6.27
N THR A 146 6.59 -19.14 -6.25
CA THR A 146 6.26 -18.15 -7.25
C THR A 146 7.00 -16.84 -6.98
N PHE A 147 7.03 -16.39 -5.72
CA PHE A 147 7.77 -15.16 -5.48
C PHE A 147 9.27 -15.36 -5.67
N GLN A 148 9.77 -16.59 -5.43
CA GLN A 148 11.17 -16.85 -5.77
C GLN A 148 11.40 -16.75 -7.28
N ALA A 149 10.46 -17.27 -8.08
CA ALA A 149 10.57 -17.16 -9.53
C ALA A 149 10.38 -15.73 -10.04
N PHE A 150 9.52 -14.95 -9.37
CA PHE A 150 9.37 -13.55 -9.73
C PHE A 150 10.69 -12.79 -9.63
N ARG A 151 11.53 -13.14 -8.66
CA ARG A 151 12.80 -12.45 -8.39
C ARG A 151 13.92 -12.93 -9.31
N THR A 152 13.60 -13.03 -10.59
CA THR A 152 14.58 -13.39 -11.64
C THR A 152 14.28 -12.56 -12.88
N THR A 153 15.31 -12.36 -13.73
CA THR A 153 15.06 -11.58 -14.93
C THR A 153 14.57 -12.43 -16.10
N ASP A 154 14.58 -13.76 -15.97
CA ASP A 154 14.13 -14.62 -17.05
C ASP A 154 12.70 -15.08 -16.79
N VAL A 155 12.52 -16.04 -15.89
CA VAL A 155 11.18 -16.54 -15.55
C VAL A 155 10.31 -15.42 -14.99
N GLY A 156 10.87 -14.61 -14.09
CA GLY A 156 10.07 -13.58 -13.45
C GLY A 156 9.48 -12.57 -14.40
N ARG A 157 10.27 -12.10 -15.37
CA ARG A 157 9.76 -11.16 -16.37
C ARG A 157 8.80 -11.84 -17.33
N LYS A 158 9.04 -13.11 -17.67
CA LYS A 158 8.06 -13.84 -18.47
C LYS A 158 6.71 -13.86 -17.77
N LEU A 159 6.68 -14.24 -16.49
CA LEU A 159 5.41 -14.32 -15.75
C LEU A 159 4.75 -12.96 -15.63
N ILE A 160 5.50 -11.98 -15.12
CA ILE A 160 4.84 -10.73 -14.73
C ILE A 160 4.63 -9.80 -15.92
N ILE A 161 5.64 -9.66 -16.78
N ILE A 161 5.65 -9.66 -16.77
CA ILE A 161 5.56 -8.69 -17.86
CA ILE A 161 5.57 -8.72 -17.86
C ILE A 161 4.95 -9.29 -19.11
C ILE A 161 4.86 -9.35 -19.04
N ASP A 162 5.37 -10.48 -19.53
CA ASP A 162 4.78 -11.05 -20.73
C ASP A 162 3.37 -11.61 -20.48
N GLN A 163 3.17 -12.26 -19.35
CA GLN A 163 1.95 -13.02 -19.11
C GLN A 163 1.02 -12.36 -18.09
N ASN A 164 1.44 -11.23 -17.50
CA ASN A 164 0.60 -10.44 -16.58
C ASN A 164 0.11 -11.23 -15.37
N VAL A 165 0.95 -12.13 -14.86
CA VAL A 165 0.52 -13.02 -13.78
C VAL A 165 0.28 -12.24 -12.47
N PHE A 166 0.97 -11.12 -12.22
CA PHE A 166 0.71 -10.44 -10.95
C PHE A 166 -0.71 -9.90 -10.88
N ILE A 167 -1.27 -9.55 -12.05
CA ILE A 167 -2.65 -9.04 -12.13
C ILE A 167 -3.64 -10.20 -12.22
N GLU A 168 -3.36 -11.16 -13.10
CA GLU A 168 -4.35 -12.22 -13.35
C GLU A 168 -4.38 -13.27 -12.25
N GLY A 169 -3.25 -13.52 -11.59
CA GLY A 169 -3.17 -14.56 -10.58
C GLY A 169 -2.80 -14.11 -9.19
N THR A 170 -1.76 -13.29 -9.03
CA THR A 170 -1.29 -12.95 -7.67
C THR A 170 -2.31 -12.10 -6.94
N LEU A 171 -2.86 -11.12 -7.65
CA LEU A 171 -3.93 -10.26 -7.10
C LEU A 171 -5.11 -11.06 -6.56
N PRO A 172 -5.80 -11.90 -7.35
CA PRO A 172 -6.89 -12.69 -6.75
C PRO A 172 -6.41 -13.61 -5.66
N MET A 173 -5.17 -14.12 -5.73
CA MET A 173 -4.69 -14.96 -4.66
CA MET A 173 -4.65 -14.96 -4.66
C MET A 173 -4.31 -14.18 -3.41
N GLY A 174 -4.41 -12.85 -3.46
CA GLY A 174 -4.29 -11.95 -2.33
C GLY A 174 -5.59 -11.49 -1.71
N VAL A 175 -6.72 -12.00 -2.19
CA VAL A 175 -8.06 -11.66 -1.68
C VAL A 175 -8.80 -12.97 -1.36
N VAL A 176 -9.44 -13.06 -0.18
CA VAL A 176 -10.16 -14.30 0.16
C VAL A 176 -11.44 -14.43 -0.65
N ARG A 177 -12.25 -13.37 -0.69
CA ARG A 177 -13.50 -13.39 -1.45
C ARG A 177 -13.21 -13.23 -2.94
N PRO A 178 -14.12 -13.70 -3.81
CA PRO A 178 -13.86 -13.63 -5.25
C PRO A 178 -14.05 -12.22 -5.77
N LEU A 179 -13.10 -11.78 -6.62
CA LEU A 179 -13.21 -10.50 -7.29
C LEU A 179 -14.12 -10.63 -8.51
N THR A 180 -14.95 -9.61 -8.75
CA THR A 180 -15.82 -9.63 -9.93
C THR A 180 -15.06 -9.23 -11.19
N GLU A 181 -15.68 -9.49 -12.35
CA GLU A 181 -15.05 -9.12 -13.60
C GLU A 181 -14.87 -7.62 -13.71
N VAL A 182 -15.82 -6.85 -13.17
CA VAL A 182 -15.69 -5.39 -13.21
C VAL A 182 -14.50 -4.95 -12.38
N GLU A 183 -14.33 -5.53 -11.19
CA GLU A 183 -13.18 -5.20 -10.36
C GLU A 183 -11.88 -5.58 -11.04
N MET A 184 -11.85 -6.78 -11.66
CA MET A 184 -10.61 -7.20 -12.31
C MET A 184 -10.27 -6.26 -13.45
N ASP A 185 -11.28 -5.77 -14.17
CA ASP A 185 -11.02 -4.83 -15.26
C ASP A 185 -10.48 -3.49 -14.76
N HIS A 186 -10.94 -3.03 -13.60
CA HIS A 186 -10.33 -1.84 -13.00
C HIS A 186 -8.86 -2.06 -12.66
N TYR A 187 -8.52 -3.22 -12.10
CA TYR A 187 -7.11 -3.47 -11.82
C TYR A 187 -6.30 -3.69 -13.10
N ARG A 188 -6.91 -4.24 -14.14
CA ARG A 188 -6.18 -4.46 -15.40
C ARG A 188 -5.90 -3.17 -16.15
N GLU A 189 -6.75 -2.15 -15.99
CA GLU A 189 -6.72 -1.00 -16.89
C GLU A 189 -5.36 -0.35 -17.03
N PRO A 190 -4.57 -0.13 -15.98
CA PRO A 190 -3.29 0.59 -16.18
C PRO A 190 -2.25 -0.23 -16.92
N PHE A 191 -2.48 -1.54 -17.10
CA PHE A 191 -1.40 -2.46 -17.49
C PHE A 191 -1.78 -3.25 -18.73
N LEU A 192 -2.70 -2.73 -19.55
CA LEU A 192 -3.11 -3.46 -20.76
C LEU A 192 -1.95 -3.67 -21.71
N ASN A 193 -1.04 -2.71 -21.76
CA ASN A 193 0.17 -2.74 -22.57
C ASN A 193 1.30 -3.40 -21.78
N PRO A 194 1.88 -4.50 -22.25
CA PRO A 194 2.97 -5.16 -21.49
C PRO A 194 4.17 -4.26 -21.19
N VAL A 195 4.53 -3.34 -22.07
CA VAL A 195 5.63 -2.44 -21.76
C VAL A 195 5.36 -1.56 -20.54
N ASP A 196 4.13 -1.48 -20.06
CA ASP A 196 3.86 -0.68 -18.87
C ASP A 196 3.91 -1.49 -17.59
N ARG A 197 4.34 -2.74 -17.64
CA ARG A 197 4.28 -3.60 -16.47
C ARG A 197 5.56 -3.62 -15.66
N GLU A 198 6.53 -2.77 -15.99
CA GLU A 198 7.79 -2.73 -15.24
C GLU A 198 7.60 -2.58 -13.73
N PRO A 199 6.72 -1.69 -13.20
CA PRO A 199 6.55 -1.60 -11.74
C PRO A 199 6.12 -2.90 -11.10
N LEU A 200 5.31 -3.69 -11.83
CA LEU A 200 4.75 -4.92 -11.30
C LEU A 200 5.83 -5.96 -11.07
N TRP A 201 6.92 -5.87 -11.84
CA TRP A 201 8.02 -6.82 -11.70
C TRP A 201 9.11 -6.28 -10.78
N ARG A 202 9.37 -4.97 -10.81
CA ARG A 202 10.43 -4.46 -9.94
C ARG A 202 10.01 -4.51 -8.48
N PHE A 203 8.71 -4.26 -8.19
CA PHE A 203 8.30 -4.33 -6.79
C PHE A 203 8.62 -5.65 -6.10
N PRO A 204 8.29 -6.84 -6.64
CA PRO A 204 8.59 -8.04 -5.87
C PRO A 204 10.11 -8.28 -5.80
N ASN A 205 10.85 -7.73 -6.76
CA ASN A 205 12.30 -7.79 -6.70
C ASN A 205 12.90 -6.88 -5.67
N GLU A 206 12.13 -5.93 -5.14
CA GLU A 206 12.57 -5.06 -4.04
C GLU A 206 12.18 -5.59 -2.67
N LEU A 207 11.34 -6.61 -2.57
CA LEU A 207 10.89 -7.08 -1.28
C LEU A 207 12.09 -7.50 -0.43
N PRO A 208 12.14 -7.09 0.83
CA PRO A 208 13.29 -7.46 1.68
C PRO A 208 13.22 -8.86 2.24
N ILE A 209 13.69 -9.84 1.46
CA ILE A 209 13.57 -11.25 1.79
C ILE A 209 14.96 -11.87 1.76
N ALA A 210 15.31 -12.56 2.84
CA ALA A 210 16.58 -13.28 2.94
C ALA A 210 17.77 -12.36 2.73
N GLY A 211 17.63 -11.11 3.14
CA GLY A 211 18.74 -10.19 3.06
C GLY A 211 18.91 -9.44 1.76
N GLU A 212 18.09 -9.72 0.72
CA GLU A 212 18.21 -8.96 -0.52
C GLU A 212 16.87 -8.31 -0.87
N PRO A 213 16.92 -7.15 -1.52
CA PRO A 213 18.17 -6.38 -1.74
C PRO A 213 18.64 -5.76 -0.43
N ALA A 214 19.95 -5.75 -0.18
CA ALA A 214 20.45 -5.31 1.11
C ALA A 214 20.05 -3.87 1.41
N ASN A 215 19.97 -3.03 0.38
CA ASN A 215 19.65 -1.64 0.62
C ASN A 215 18.20 -1.49 1.11
N ILE A 216 17.27 -2.29 0.57
CA ILE A 216 15.88 -2.23 1.04
C ILE A 216 15.78 -2.82 2.43
N VAL A 217 16.44 -3.95 2.67
CA VAL A 217 16.45 -4.54 4.01
C VAL A 217 16.87 -3.49 5.03
N ALA A 218 17.96 -2.78 4.75
CA ALA A 218 18.44 -1.78 5.70
C ALA A 218 17.40 -0.69 5.92
N LEU A 219 16.82 -0.17 4.83
CA LEU A 219 15.83 0.90 4.93
C LEU A 219 14.61 0.45 5.73
N VAL A 220 14.14 -0.77 5.50
CA VAL A 220 12.97 -1.25 6.22
C VAL A 220 13.31 -1.50 7.68
N GLU A 221 14.50 -2.07 7.95
CA GLU A 221 14.90 -2.23 9.33
C GLU A 221 14.92 -0.89 10.06
N GLU A 222 15.35 0.16 9.36
CA GLU A 222 15.40 1.49 9.98
C GLU A 222 14.03 1.98 10.37
N TYR A 223 13.04 1.86 9.46
CA TYR A 223 11.78 2.41 9.91
C TYR A 223 11.06 1.50 10.91
N MET A 224 11.36 0.19 10.93
CA MET A 224 10.86 -0.66 12.01
C MET A 224 11.49 -0.32 13.35
N ASP A 225 12.81 -0.02 13.37
CA ASP A 225 13.46 0.48 14.60
C ASP A 225 12.73 1.71 15.13
N TRP A 226 12.48 2.68 14.27
CA TRP A 226 11.71 3.87 14.65
C TRP A 226 10.33 3.49 15.17
N LEU A 227 9.58 2.67 14.41
CA LEU A 227 8.22 2.38 14.79
C LEU A 227 8.12 1.70 16.17
N HIS A 228 9.13 0.92 16.55
CA HIS A 228 9.11 0.22 17.83
C HIS A 228 9.31 1.17 19.01
N GLN A 229 9.78 2.39 18.76
CA GLN A 229 9.93 3.35 19.85
C GLN A 229 9.07 4.59 19.72
N SER A 230 8.66 4.95 18.50
CA SER A 230 7.96 6.22 18.32
C SER A 230 6.61 6.23 19.06
N PRO A 231 6.25 7.36 19.66
CA PRO A 231 4.92 7.48 20.27
C PRO A 231 3.79 7.70 19.26
N VAL A 232 4.09 7.79 17.97
CA VAL A 232 3.04 8.09 16.97
C VAL A 232 1.84 7.16 17.15
N PRO A 233 0.60 7.67 17.14
CA PRO A 233 -0.55 6.77 17.24
C PRO A 233 -0.59 5.81 16.06
N LYS A 234 -0.90 4.53 16.37
CA LYS A 234 -0.86 3.43 15.40
C LYS A 234 -2.14 2.62 15.44
N LEU A 235 -2.63 2.27 14.24
CA LEU A 235 -3.82 1.44 14.09
C LEU A 235 -3.46 0.35 13.10
N LEU A 236 -3.42 -0.91 13.56
CA LEU A 236 -3.00 -2.05 12.74
C LEU A 236 -4.20 -2.94 12.43
N PHE A 237 -4.52 -3.10 11.14
CA PHE A 237 -5.55 -4.06 10.72
C PHE A 237 -4.90 -5.36 10.29
N TRP A 238 -5.53 -6.48 10.62
CA TRP A 238 -4.93 -7.77 10.22
C TRP A 238 -6.04 -8.76 9.93
N GLY A 239 -5.75 -9.76 9.09
CA GLY A 239 -6.68 -10.83 8.79
C GLY A 239 -6.01 -12.20 8.91
N THR A 240 -6.83 -13.25 8.73
CA THR A 240 -6.40 -14.63 8.85
C THR A 240 -6.56 -15.30 7.49
N PRO A 241 -5.51 -15.89 6.91
CA PRO A 241 -4.18 -16.09 7.48
C PRO A 241 -3.19 -14.95 7.24
N GLY A 242 -3.59 -13.91 6.51
CA GLY A 242 -2.64 -12.88 6.11
C GLY A 242 -1.68 -13.38 5.05
N VAL A 243 -0.79 -12.49 4.63
CA VAL A 243 0.30 -12.84 3.71
C VAL A 243 1.60 -12.27 4.29
N LEU A 244 1.71 -10.95 4.35
CA LEU A 244 2.93 -10.35 4.88
C LEU A 244 2.93 -10.34 6.40
N ILE A 245 1.75 -10.31 7.03
CA ILE A 245 1.62 -10.26 8.49
C ILE A 245 0.71 -11.38 8.95
N PRO A 246 1.23 -12.49 9.46
CA PRO A 246 0.34 -13.52 10.00
C PRO A 246 -0.25 -13.11 11.33
N PRO A 247 -1.37 -13.72 11.74
CA PRO A 247 -2.08 -13.28 12.94
C PRO A 247 -1.24 -13.24 14.19
N ALA A 248 -0.31 -14.18 14.36
CA ALA A 248 0.49 -14.19 15.58
C ALA A 248 1.44 -13.00 15.62
N GLU A 249 1.90 -12.57 14.44
CA GLU A 249 2.75 -11.39 14.33
C GLU A 249 1.98 -10.12 14.62
N ALA A 250 0.77 -10.02 14.07
CA ALA A 250 -0.06 -8.86 14.36
C ALA A 250 -0.30 -8.71 15.86
N ALA A 251 -0.53 -9.82 16.56
CA ALA A 251 -0.81 -9.76 17.99
C ALA A 251 0.43 -9.37 18.77
N ARG A 252 1.60 -9.84 18.34
CA ARG A 252 2.85 -9.42 19.00
C ARG A 252 3.12 -7.93 18.77
N LEU A 253 2.86 -7.45 17.55
CA LEU A 253 3.10 -6.04 17.24
C LEU A 253 2.16 -5.12 18.01
N ALA A 254 0.90 -5.54 18.19
CA ALA A 254 -0.05 -4.72 18.92
C ALA A 254 0.43 -4.44 20.33
N LYS A 255 1.17 -5.40 20.91
CA LYS A 255 1.74 -5.23 22.24
C LYS A 255 3.08 -4.52 22.20
N SER A 256 3.93 -4.78 21.20
CA SER A 256 5.28 -4.23 21.23
C SER A 256 5.32 -2.78 20.76
N LEU A 257 4.56 -2.44 19.72
CA LEU A 257 4.61 -1.09 19.18
C LEU A 257 3.88 -0.12 20.13
N PRO A 258 4.46 1.02 20.48
CA PRO A 258 3.78 1.95 21.39
C PRO A 258 2.49 2.48 20.77
N ASN A 259 1.49 2.66 21.62
CA ASN A 259 0.26 3.37 21.25
C ASN A 259 -0.38 2.73 20.03
N CYS A 260 -0.46 1.40 20.03
CA CYS A 260 -0.92 0.67 18.87
C CYS A 260 -2.17 -0.13 19.21
N LYS A 261 -3.26 0.13 18.49
CA LYS A 261 -4.49 -0.65 18.57
C LYS A 261 -4.56 -1.56 17.36
N ALA A 262 -4.94 -2.83 17.58
CA ALA A 262 -5.06 -3.77 16.49
C ALA A 262 -6.52 -4.16 16.28
N VAL A 263 -6.89 -4.37 15.03
CA VAL A 263 -8.26 -4.70 14.66
C VAL A 263 -8.25 -5.92 13.74
N ASP A 264 -8.95 -6.97 14.16
CA ASP A 264 -9.14 -8.19 13.39
C ASP A 264 -10.23 -7.97 12.36
N ILE A 265 -9.92 -8.08 11.06
CA ILE A 265 -10.93 -7.88 10.03
C ILE A 265 -11.63 -9.16 9.62
N GLY A 266 -11.21 -10.31 10.17
CA GLY A 266 -11.75 -11.60 9.78
C GLY A 266 -10.86 -12.24 8.75
N PRO A 267 -11.44 -13.02 7.83
CA PRO A 267 -10.61 -13.66 6.79
C PRO A 267 -9.92 -12.61 5.93
N GLY A 268 -8.65 -12.87 5.63
CA GLY A 268 -7.96 -11.92 4.78
C GLY A 268 -6.60 -12.46 4.40
N LEU A 269 -6.08 -11.99 3.26
CA LEU A 269 -4.79 -12.41 2.74
C LEU A 269 -3.91 -11.17 2.68
N ASN A 270 -3.75 -10.53 1.51
CA ASN A 270 -2.96 -9.28 1.43
C ASN A 270 -3.84 -8.03 1.29
N LEU A 271 -4.74 -7.98 0.30
CA LEU A 271 -5.60 -6.82 0.07
C LEU A 271 -6.79 -6.87 1.03
N LEU A 272 -6.49 -6.57 2.31
CA LEU A 272 -7.52 -6.61 3.35
C LEU A 272 -8.67 -5.68 2.99
N GLN A 273 -8.40 -4.61 2.23
CA GLN A 273 -9.42 -3.66 1.79
C GLN A 273 -10.51 -4.33 0.98
N GLU A 274 -10.18 -5.41 0.27
CA GLU A 274 -11.18 -6.09 -0.56
C GLU A 274 -11.98 -7.09 0.23
N ASP A 275 -11.52 -7.46 1.43
CA ASP A 275 -12.26 -8.45 2.20
C ASP A 275 -13.16 -7.83 3.26
N ASN A 276 -12.80 -6.69 3.86
CA ASN A 276 -13.69 -6.05 4.83
C ASN A 276 -13.48 -4.54 4.79
N PRO A 277 -13.86 -3.89 3.67
CA PRO A 277 -13.71 -2.43 3.59
C PRO A 277 -14.57 -1.67 4.59
N ASP A 278 -15.76 -2.14 4.92
CA ASP A 278 -16.57 -1.33 5.82
C ASP A 278 -16.00 -1.29 7.24
N LEU A 279 -15.45 -2.40 7.74
CA LEU A 279 -14.83 -2.37 9.07
C LEU A 279 -13.56 -1.53 9.07
N ILE A 280 -12.77 -1.62 8.00
CA ILE A 280 -11.54 -0.84 7.95
C ILE A 280 -11.87 0.65 7.93
N GLY A 281 -12.82 1.06 7.06
CA GLY A 281 -13.16 2.48 7.00
C GLY A 281 -13.83 3.01 8.27
N SER A 282 -14.76 2.22 8.85
CA SER A 282 -15.44 2.73 10.04
C SER A 282 -14.50 2.78 11.24
N GLU A 283 -13.52 1.86 11.33
CA GLU A 283 -12.59 1.90 12.45
C GLU A 283 -11.57 3.03 12.27
N ILE A 284 -11.14 3.30 11.03
CA ILE A 284 -10.31 4.48 10.80
C ILE A 284 -11.06 5.75 11.20
N ALA A 285 -12.36 5.87 10.83
CA ALA A 285 -13.12 7.08 11.17
C ALA A 285 -13.24 7.25 12.68
N ARG A 286 -13.46 6.16 13.41
CA ARG A 286 -13.53 6.26 14.86
C ARG A 286 -12.17 6.62 15.46
N TRP A 287 -11.10 5.99 14.97
CA TRP A 287 -9.78 6.23 15.52
C TRP A 287 -9.31 7.67 15.28
N LEU A 288 -9.67 8.25 14.12
CA LEU A 288 -9.26 9.64 13.85
C LEU A 288 -9.81 10.59 14.90
N SER A 289 -10.99 10.26 15.43
CA SER A 289 -11.66 11.12 16.41
C SER A 289 -10.92 11.18 17.73
N THR A 290 -10.00 10.25 17.98
CA THR A 290 -9.20 10.16 19.18
C THR A 290 -7.83 10.79 19.01
N LEU A 291 -7.54 11.37 17.85
CA LEU A 291 -6.22 11.96 17.61
C LEU A 291 -6.32 13.47 17.80
N GLU A 292 -5.19 14.08 18.12
CA GLU A 292 -5.13 15.54 18.24
C GLU A 292 -4.87 16.16 16.87
N ILE A 293 -5.92 16.14 16.04
CA ILE A 293 -5.79 16.64 14.68
C ILE A 293 -6.84 17.69 14.34
N1 IYL B . 1.20 -17.17 -6.71
C7 IYL B . -1.02 -18.81 -10.66
C8 IYL B . -0.39 -20.07 -10.57
N2 IYL B . -0.27 -17.78 -17.10
C9 IYL B . 0.61 -20.28 -9.62
O1 IYL B . 0.64 -12.21 -2.68
C1 IYL B . -7.82 -16.87 -9.40
O5 IYL B . 0.20 -21.95 -11.87
C5 IYL B . -3.31 -18.04 -11.45
C6 IYL B . -1.99 -18.42 -11.74
C4 IYL B . -3.86 -18.10 -10.19
O4 IYL B . -1.93 -21.39 -11.81
C3 IYL B . -5.17 -17.68 -9.95
O3 IYL B . 0.52 -15.74 -8.31
C2 IYL B . -5.97 -17.23 -10.99
N IYL B . -7.29 -16.83 -10.75
C IYL B . -8.11 -16.31 -11.82
O IYL B . 0.83 -14.80 -3.95
C10 IYL B . 0.96 -19.27 -8.73
C11 IYL B . 0.35 -18.04 -8.80
C12 IYL B . 0.71 -16.88 -7.92
C13 IYL B . 1.59 -16.12 -5.79
C14 IYL B . 0.41 -15.74 -4.93
C15 IYL B . -0.27 -14.34 -3.16
C16 IYL B . 0.16 -13.40 -2.10
C17 IYL B . -0.31 -11.18 -2.82
C18 IYL B . 0.44 -9.91 -3.16
C19 IYL B . 1.46 -9.44 -2.13
C20 IYL B . 2.19 -8.14 -2.55
C21 IYL B . 3.15 -7.61 -1.60
C22 IYL B . -0.63 -17.81 -9.77
C23 IYL B . -0.70 -21.16 -11.56
C24 IYL B . -5.43 -17.19 -12.28
C25 IYL B . -4.12 -17.57 -12.50
C26 IYL B . -2.37 -17.83 -14.09
C27 IYL B . -1.50 -18.31 -13.11
C28 IYL B . -0.19 -18.59 -13.50
C29 IYL B . 0.23 -18.41 -14.81
C30 IYL B . -0.67 -17.94 -15.78
C31 IYL B . 1.07 -18.13 -17.53
C32 IYL B . -1.01 -16.88 -17.97
C33 IYL B . -1.96 -17.64 -15.39
O2 IYL B . 3.76 -6.44 -2.11
O6 IYL B . -3.67 -17.49 -13.80
CL CL C . 5.46 -7.02 -4.62
C1 GOL D . -7.28 2.67 -11.90
O1 GOL D . -6.74 3.84 -12.46
C2 GOL D . -8.74 2.55 -12.40
O2 GOL D . -9.26 1.30 -12.20
C3 GOL D . -9.57 3.55 -11.60
O3 GOL D . -10.92 3.25 -11.98
#